data_5NLC
#
_entry.id   5NLC
#
_cell.length_a   67.618
_cell.length_b   41.778
_cell.length_c   77.761
_cell.angle_alpha   90.00
_cell.angle_beta   108.15
_cell.angle_gamma   90.00
#
_symmetry.space_group_name_H-M   'P 1 21 1'
#
loop_
_entity.id
_entity.type
_entity.pdbx_description
1 polymer PipY
2 non-polymer 'PHOSPHATE ION'
3 water water
#
_entity_poly.entity_id   1
_entity_poly.type   'polypeptide(L)'
_entity_poly.pdbx_seq_one_letter_code
;MAQIAERLASLRSQLPPSVQLIAVSKNHPAAAIREAYAAGQRHFGENRVQEAIAKQAELTDLPDLTWHLLGKLQSNKARK
AVEHFDWIHSVDSWALAERLDRIAGELGRSPKLCLQVKLLPDPNKAGWDPADLRAELPQLSQLQQVQIRGLMVIAPLGLT
AAETQALFAQARTFAAELQQQAPQLRLTELSMGMSSDWPLAVAEGATWIRVGTQLFGPRSLEHHHHHH
;
_entity_poly.pdbx_strand_id   A,B
#
# COMPACT_ATOMS: atom_id res chain seq x y z
N GLN A 3 23.82 -1.35 -5.21
CA GLN A 3 24.58 -0.74 -4.12
C GLN A 3 23.58 -0.04 -3.18
N ILE A 4 24.04 0.22 -1.97
CA ILE A 4 23.21 0.89 -1.01
C ILE A 4 22.74 2.26 -1.49
N ALA A 5 23.60 3.06 -2.10
CA ALA A 5 23.18 4.41 -2.48
C ALA A 5 22.01 4.35 -3.46
N GLU A 6 22.10 3.39 -4.39
CA GLU A 6 21.11 3.21 -5.45
C GLU A 6 19.77 2.75 -4.86
N ARG A 7 19.84 1.79 -3.96
CA ARG A 7 18.64 1.31 -3.24
C ARG A 7 17.94 2.43 -2.45
N LEU A 8 18.75 3.20 -1.71
CA LEU A 8 18.19 4.32 -0.93
C LEU A 8 17.53 5.35 -1.87
N ALA A 9 18.15 5.69 -2.98
CA ALA A 9 17.58 6.62 -3.97
C ALA A 9 16.23 6.17 -4.52
N SER A 10 16.14 4.87 -4.74
CA SER A 10 14.96 4.28 -5.31
C SER A 10 13.85 4.35 -4.30
N LEU A 11 14.13 3.97 -3.05
CA LEU A 11 13.12 4.09 -2.01
C LEU A 11 12.67 5.50 -1.77
N ARG A 12 13.63 6.41 -1.61
CA ARG A 12 13.25 7.80 -1.38
C ARG A 12 12.38 8.36 -2.54
N SER A 13 12.62 7.90 -3.79
CA SER A 13 11.83 8.41 -4.89
C SER A 13 10.37 7.97 -4.78
N GLN A 14 10.10 6.88 -4.06
CA GLN A 14 8.75 6.40 -3.87
C GLN A 14 8.04 7.08 -2.70
N LEU A 15 8.72 7.81 -1.84
CA LEU A 15 8.09 8.27 -0.65
C LEU A 15 7.77 9.78 -0.69
N PRO A 16 6.66 10.18 -0.09
CA PRO A 16 6.41 11.62 0.12
C PRO A 16 7.28 12.14 1.26
N PRO A 17 7.53 13.47 1.31
CA PRO A 17 8.40 14.06 2.33
C PRO A 17 7.84 13.85 3.72
N SER A 18 6.54 13.54 3.84
CA SER A 18 5.95 13.27 5.16
C SER A 18 6.41 11.93 5.82
N VAL A 19 7.05 11.05 5.05
CA VAL A 19 7.47 9.74 5.53
C VAL A 19 8.98 9.70 5.71
N GLN A 20 9.42 9.20 6.86
CA GLN A 20 10.84 8.92 7.09
C GLN A 20 11.05 7.43 7.18
N LEU A 21 12.07 7.02 6.48
CA LEU A 21 12.49 5.66 6.48
C LEU A 21 13.50 5.39 7.59
N ILE A 22 13.27 4.35 8.36
CA ILE A 22 14.23 3.88 9.35
C ILE A 22 14.93 2.66 8.74
N ALA A 23 16.25 2.77 8.55
CA ALA A 23 17.02 1.67 8.05
C ALA A 23 17.27 0.64 9.16
N VAL A 24 16.68 -0.52 9.01
CA VAL A 24 16.77 -1.59 10.01
C VAL A 24 18.12 -2.30 9.79
N SER A 25 19.05 -2.04 10.70
CA SER A 25 20.45 -2.45 10.53
C SER A 25 20.73 -3.78 11.25
N LYS A 26 19.67 -4.42 11.74
CA LYS A 26 19.75 -5.65 12.53
C LYS A 26 20.72 -6.69 12.08
N ASN A 27 20.78 -7.05 10.81
CA ASN A 27 21.82 -8.06 10.45
C ASN A 27 23.00 -7.51 9.67
N HIS A 28 23.33 -6.26 9.90
CA HIS A 28 24.28 -5.59 9.10
C HIS A 28 25.33 -4.90 9.92
N PRO A 29 26.57 -4.93 9.46
CA PRO A 29 27.70 -4.42 10.23
C PRO A 29 27.82 -2.89 10.25
N ALA A 30 28.69 -2.38 11.12
CA ALA A 30 28.92 -0.94 11.21
C ALA A 30 29.37 -0.37 9.84
N ALA A 31 30.10 -1.16 9.05
CA ALA A 31 30.62 -0.62 7.80
C ALA A 31 29.50 -0.32 6.79
N ALA A 32 28.44 -1.12 6.80
CA ALA A 32 27.23 -0.91 6.00
C ALA A 32 26.47 0.32 6.45
N ILE A 33 26.40 0.55 7.75
CA ILE A 33 25.81 1.78 8.31
C ILE A 33 26.60 3.00 7.85
N ARG A 34 27.94 2.95 7.83
CA ARG A 34 28.69 4.06 7.27
C ARG A 34 28.43 4.28 5.81
N GLU A 35 28.35 3.20 5.01
CA GLU A 35 27.96 3.35 3.61
C GLU A 35 26.57 4.02 3.43
N ALA A 36 25.59 3.60 4.22
CA ALA A 36 24.29 4.20 4.19
C ALA A 36 24.28 5.63 4.58
N TYR A 37 25.04 5.97 5.60
CA TYR A 37 25.22 7.35 6.03
C TYR A 37 25.78 8.24 4.91
N ALA A 38 26.77 7.73 4.20
CA ALA A 38 27.36 8.48 3.11
C ALA A 38 26.36 8.72 2.03
N ALA A 39 25.42 7.82 1.85
CA ALA A 39 24.36 7.99 0.85
C ALA A 39 23.24 8.90 1.32
N GLY A 40 23.24 9.33 2.58
CA GLY A 40 22.28 10.30 3.09
C GLY A 40 21.37 9.73 4.22
N GLN A 41 21.52 8.45 4.58
CA GLN A 41 20.66 7.90 5.62
C GLN A 41 21.11 8.33 7.00
N ARG A 42 20.12 8.69 7.86
CA ARG A 42 20.34 9.13 9.22
C ARG A 42 19.65 8.38 10.30
N HIS A 43 18.53 7.75 9.98
CA HIS A 43 17.77 6.99 10.97
C HIS A 43 17.99 5.51 10.83
N PHE A 44 18.47 4.90 11.89
CA PHE A 44 18.81 3.50 11.95
C PHE A 44 18.12 2.85 13.08
N GLY A 45 17.63 1.64 12.83
CA GLY A 45 16.80 0.95 13.78
C GLY A 45 17.35 -0.45 14.11
N GLU A 46 17.22 -0.82 15.38
CA GLU A 46 17.61 -2.15 15.84
C GLU A 46 16.41 -2.75 16.58
N ASN A 47 16.34 -4.07 16.60
CA ASN A 47 15.22 -4.73 17.30
C ASN A 47 15.56 -4.99 18.76
N ARG A 48 16.83 -5.20 19.06
CA ARG A 48 17.31 -5.64 20.38
C ARG A 48 18.32 -4.67 20.94
N VAL A 49 18.17 -4.32 22.22
CA VAL A 49 19.02 -3.32 22.86
C VAL A 49 20.53 -3.70 22.79
N GLN A 50 20.87 -4.92 23.20
CA GLN A 50 22.29 -5.36 23.28
C GLN A 50 23.00 -5.40 21.94
N GLU A 51 22.34 -5.87 20.92
CA GLU A 51 22.90 -5.85 19.56
C GLU A 51 23.17 -4.43 19.09
N ALA A 52 22.29 -3.49 19.42
CA ALA A 52 22.55 -2.08 19.11
C ALA A 52 23.75 -1.48 19.83
N ILE A 53 23.81 -1.62 21.16
CA ILE A 53 24.94 -1.11 21.95
C ILE A 53 26.27 -1.56 21.36
N ALA A 54 26.36 -2.85 21.07
CA ALA A 54 27.60 -3.41 20.56
C ALA A 54 28.08 -2.63 19.32
N LYS A 55 27.16 -2.21 18.48
CA LYS A 55 27.49 -1.66 17.19
C LYS A 55 27.71 -0.15 17.26
N GLN A 56 27.12 0.49 18.26
CA GLN A 56 27.14 1.95 18.39
C GLN A 56 28.49 2.60 18.67
N ALA A 57 29.39 1.90 19.39
CA ALA A 57 30.62 2.57 19.90
C ALA A 57 31.51 3.15 18.82
N GLU A 58 31.75 2.43 17.74
CA GLU A 58 32.59 2.98 16.65
C GLU A 58 31.98 4.13 15.85
N LEU A 59 30.67 4.24 15.96
CA LEU A 59 29.91 5.15 15.10
C LEU A 59 29.60 6.48 15.78
N THR A 60 30.08 6.69 16.99
CA THR A 60 29.77 7.97 17.66
C THR A 60 30.44 9.21 17.08
N ASP A 61 31.41 9.04 16.18
CA ASP A 61 31.87 10.20 15.42
C ASP A 61 30.71 10.88 14.66
N LEU A 62 29.69 10.12 14.19
CA LEU A 62 28.63 10.62 13.30
C LEU A 62 27.67 11.48 14.12
N PRO A 63 27.57 12.77 13.79
CA PRO A 63 26.92 13.70 14.75
C PRO A 63 25.34 13.61 14.83
N ASP A 64 24.70 13.20 13.74
CA ASP A 64 23.26 13.29 13.53
C ASP A 64 22.64 11.94 13.11
N LEU A 65 23.22 10.87 13.61
CA LEU A 65 22.70 9.56 13.45
C LEU A 65 21.62 9.44 14.55
N THR A 66 20.40 9.11 14.17
CA THR A 66 19.34 8.89 15.10
C THR A 66 19.03 7.37 15.22
N TRP A 67 19.14 6.83 16.47
CA TRP A 67 18.90 5.42 16.73
C TRP A 67 17.47 5.19 17.27
N HIS A 68 16.84 4.18 16.71
CA HIS A 68 15.45 3.81 16.98
C HIS A 68 15.43 2.39 17.50
N LEU A 69 14.77 2.15 18.64
CA LEU A 69 14.55 0.81 19.10
C LEU A 69 13.18 0.37 18.64
N LEU A 70 13.13 -0.75 17.93
CA LEU A 70 11.97 -1.17 17.26
C LEU A 70 11.29 -2.41 17.85
N GLY A 71 11.98 -3.20 18.65
CA GLY A 71 11.43 -4.43 19.13
C GLY A 71 11.10 -4.33 20.62
N LYS A 72 10.74 -5.48 21.16
CA LYS A 72 10.20 -5.62 22.53
C LYS A 72 11.24 -5.12 23.52
N LEU A 73 10.84 -4.36 24.49
CA LEU A 73 11.78 -3.81 25.46
C LEU A 73 11.32 -4.32 26.80
N GLN A 74 12.12 -5.13 27.44
CA GLN A 74 11.83 -5.59 28.80
C GLN A 74 12.13 -4.50 29.79
N SER A 75 11.32 -4.40 30.85
CA SER A 75 11.48 -3.32 31.85
C SER A 75 12.86 -3.24 32.50
N ASN A 76 13.58 -4.37 32.63
CA ASN A 76 14.95 -4.38 33.16
C ASN A 76 16.06 -3.96 32.19
N LYS A 77 15.72 -3.71 30.94
CA LYS A 77 16.62 -3.16 29.96
C LYS A 77 16.25 -1.70 29.64
N ALA A 78 15.27 -1.16 30.34
CA ALA A 78 14.81 0.19 30.07
C ALA A 78 15.98 1.18 30.27
N ARG A 79 16.84 0.95 31.26
CA ARG A 79 17.93 1.87 31.52
C ARG A 79 18.88 1.97 30.34
N LYS A 80 19.34 0.81 29.84
CA LYS A 80 20.17 0.81 28.65
C LYS A 80 19.47 1.42 27.42
N ALA A 81 18.17 1.20 27.27
CA ALA A 81 17.44 1.80 26.15
C ALA A 81 17.42 3.33 26.23
N VAL A 82 17.21 3.88 27.44
CA VAL A 82 17.24 5.33 27.60
C VAL A 82 18.63 5.88 27.27
N GLU A 83 19.66 5.14 27.65
CA GLU A 83 21.03 5.62 27.50
C GLU A 83 21.45 5.63 26.04
N HIS A 84 20.94 4.67 25.23
CA HIS A 84 21.44 4.39 23.89
C HIS A 84 20.51 4.75 22.74
N PHE A 85 19.22 4.98 22.96
CA PHE A 85 18.32 5.21 21.84
C PHE A 85 17.75 6.63 21.93
N ASP A 86 17.55 7.23 20.80
CA ASP A 86 16.86 8.51 20.66
C ASP A 86 15.32 8.33 20.64
N TRP A 87 14.85 7.29 19.98
CA TRP A 87 13.47 6.89 19.82
C TRP A 87 13.28 5.47 20.31
N ILE A 88 12.20 5.26 21.05
CA ILE A 88 11.78 3.92 21.44
C ILE A 88 10.37 3.74 20.95
N HIS A 89 10.16 2.85 19.97
CA HIS A 89 8.84 2.69 19.31
C HIS A 89 7.92 1.71 20.00
N SER A 90 8.40 0.89 20.92
CA SER A 90 7.69 -0.26 21.35
C SER A 90 7.22 -0.08 22.76
N VAL A 91 6.77 1.10 23.12
CA VAL A 91 6.31 1.28 24.50
C VAL A 91 4.92 0.69 24.62
N ASP A 92 4.85 -0.50 25.19
CA ASP A 92 3.64 -1.31 25.13
C ASP A 92 2.78 -1.34 26.37
N SER A 93 3.13 -0.58 27.39
CA SER A 93 2.34 -0.59 28.63
C SER A 93 2.57 0.69 29.42
N TRP A 94 1.67 0.92 30.35
CA TRP A 94 1.83 2.02 31.27
C TRP A 94 3.11 1.78 32.07
N ALA A 95 3.30 0.58 32.60
CA ALA A 95 4.50 0.31 33.41
C ALA A 95 5.81 0.70 32.72
N LEU A 96 5.89 0.39 31.42
CA LEU A 96 7.13 0.63 30.71
C LEU A 96 7.27 2.13 30.50
N ALA A 97 6.18 2.79 30.18
CA ALA A 97 6.25 4.23 29.97
C ALA A 97 6.70 4.94 31.24
N GLU A 98 6.09 4.57 32.35
CA GLU A 98 6.48 5.10 33.68
C GLU A 98 7.94 4.85 34.02
N ARG A 99 8.38 3.63 33.76
CA ARG A 99 9.74 3.21 34.04
C ARG A 99 10.74 4.04 33.21
N LEU A 100 10.49 4.18 31.90
CA LEU A 100 11.34 5.02 31.04
C LEU A 100 11.40 6.49 31.55
N ASP A 101 10.28 7.01 31.93
CA ASP A 101 10.19 8.38 32.45
C ASP A 101 11.02 8.55 33.75
N ARG A 102 10.96 7.58 34.64
CA ARG A 102 11.70 7.65 35.88
C ARG A 102 13.23 7.62 35.57
N ILE A 103 13.64 6.70 34.71
CA ILE A 103 15.02 6.56 34.31
C ILE A 103 15.50 7.76 33.54
N ALA A 104 14.67 8.25 32.60
CA ALA A 104 14.96 9.48 31.84
C ALA A 104 15.27 10.67 32.79
N GLY A 105 14.45 10.84 33.81
CA GLY A 105 14.63 11.89 34.82
C GLY A 105 15.92 11.77 35.61
N GLU A 106 16.25 10.54 35.99
CA GLU A 106 17.54 10.26 36.69
C GLU A 106 18.75 10.57 35.80
N LEU A 107 18.71 10.16 34.55
CA LEU A 107 19.82 10.41 33.62
C LEU A 107 19.85 11.78 32.91
N GLY A 108 18.82 12.59 33.05
CA GLY A 108 18.72 13.87 32.34
C GLY A 108 18.58 13.69 30.82
N ARG A 109 17.83 12.68 30.44
CA ARG A 109 17.60 12.40 29.01
CA ARG A 109 17.61 12.34 29.02
C ARG A 109 16.11 12.42 28.76
N SER A 110 15.72 12.47 27.47
CA SER A 110 14.32 12.51 27.10
C SER A 110 14.11 11.69 25.85
N PRO A 111 13.87 10.37 26.00
CA PRO A 111 13.58 9.61 24.73
C PRO A 111 12.28 10.03 24.08
N LYS A 112 12.24 9.99 22.73
CA LYS A 112 11.03 10.09 22.01
C LYS A 112 10.37 8.69 21.89
N LEU A 113 9.05 8.62 22.19
CA LEU A 113 8.34 7.36 22.37
C LEU A 113 7.19 7.29 21.42
N CYS A 114 7.03 6.10 20.83
CA CYS A 114 5.74 5.71 20.31
C CYS A 114 5.14 4.67 21.27
N LEU A 115 3.83 4.75 21.37
CA LEU A 115 3.09 3.78 22.13
C LEU A 115 2.60 2.69 21.17
N GLN A 116 3.00 1.47 21.43
CA GLN A 116 2.71 0.32 20.61
C GLN A 116 1.37 -0.23 21.07
N VAL A 117 0.38 -0.14 20.20
CA VAL A 117 -1.00 -0.44 20.51
C VAL A 117 -1.41 -1.69 19.75
N LYS A 118 -2.13 -2.57 20.43
CA LYS A 118 -2.62 -3.80 19.87
C LYS A 118 -4.10 -3.58 19.54
N LEU A 119 -4.36 -3.31 18.29
CA LEU A 119 -5.69 -3.15 17.78
C LEU A 119 -6.33 -4.46 17.30
N LEU A 120 -5.55 -5.52 17.12
CA LEU A 120 -6.02 -6.84 16.75
C LEU A 120 -5.41 -7.91 17.65
N PRO A 121 -6.11 -9.06 17.83
CA PRO A 121 -5.49 -10.16 18.58
C PRO A 121 -4.16 -10.58 17.94
N ASP A 122 -3.17 -10.84 18.78
CA ASP A 122 -1.87 -11.29 18.31
C ASP A 122 -1.17 -12.07 19.42
N PRO A 123 -1.07 -13.39 19.25
CA PRO A 123 -0.34 -14.50 19.86
C PRO A 123 1.13 -14.14 20.19
N ASN A 124 1.86 -13.62 19.19
CA ASN A 124 3.31 -13.42 19.28
CA ASN A 124 3.31 -13.42 19.28
C ASN A 124 3.74 -11.95 19.50
N LYS A 125 2.84 -11.08 19.97
CA LYS A 125 3.18 -9.67 20.10
C LYS A 125 2.53 -9.01 21.29
N ALA A 126 3.27 -8.07 21.87
CA ALA A 126 2.81 -7.21 22.98
C ALA A 126 2.10 -5.99 22.43
N GLY A 127 1.56 -5.14 23.31
CA GLY A 127 0.92 -3.88 22.91
C GLY A 127 -0.14 -3.46 23.87
N TRP A 128 -0.43 -2.17 23.89
CA TRP A 128 -1.42 -1.64 24.80
C TRP A 128 -2.78 -2.13 24.33
N ASP A 129 -3.65 -2.44 25.27
CA ASP A 129 -5.07 -2.60 24.98
C ASP A 129 -5.63 -1.17 24.74
N PRO A 130 -6.33 -0.91 23.62
CA PRO A 130 -6.83 0.48 23.35
C PRO A 130 -7.62 1.17 24.42
N ALA A 131 -8.45 0.42 25.13
CA ALA A 131 -9.23 0.97 26.28
C ALA A 131 -8.35 1.43 27.45
N ASP A 132 -7.34 0.59 27.74
CA ASP A 132 -6.35 0.94 28.77
C ASP A 132 -5.57 2.18 28.33
N LEU A 133 -5.12 2.22 27.08
CA LEU A 133 -4.40 3.41 26.60
C LEU A 133 -5.26 4.67 26.75
N ARG A 134 -6.50 4.62 26.36
CA ARG A 134 -7.35 5.82 26.48
C ARG A 134 -7.53 6.22 27.96
N ALA A 135 -7.72 5.24 28.84
CA ALA A 135 -7.89 5.49 30.24
C ALA A 135 -6.67 6.08 30.90
N GLU A 136 -5.49 5.77 30.38
CA GLU A 136 -4.24 6.22 31.00
C GLU A 136 -3.70 7.48 30.39
N LEU A 137 -4.38 8.00 29.37
CA LEU A 137 -3.94 9.22 28.74
C LEU A 137 -3.65 10.44 29.67
N PRO A 138 -4.46 10.66 30.71
CA PRO A 138 -4.16 11.75 31.60
C PRO A 138 -2.84 11.58 32.33
N GLN A 139 -2.54 10.34 32.74
CA GLN A 139 -1.31 10.09 33.43
C GLN A 139 -0.11 10.09 32.46
N LEU A 140 -0.32 9.57 31.25
CA LEU A 140 0.73 9.69 30.24
C LEU A 140 1.11 11.13 29.93
N SER A 141 0.10 11.96 29.83
CA SER A 141 0.28 13.39 29.63
C SER A 141 1.06 14.11 30.70
N GLN A 142 1.10 13.56 31.91
CA GLN A 142 1.88 14.13 33.00
C GLN A 142 3.28 13.64 33.17
N LEU A 143 3.69 12.65 32.37
CA LEU A 143 5.06 12.20 32.38
C LEU A 143 5.93 13.35 31.83
N GLN A 144 6.86 13.84 32.62
CA GLN A 144 7.58 15.07 32.25
C GLN A 144 8.90 14.86 31.57
N GLN A 145 9.44 13.64 31.63
CA GLN A 145 10.81 13.38 31.19
C GLN A 145 10.91 12.58 29.89
N VAL A 146 9.80 12.23 29.28
CA VAL A 146 9.80 11.59 27.98
C VAL A 146 9.05 12.43 27.02
N GLN A 147 9.13 12.14 25.71
CA GLN A 147 8.38 12.89 24.69
C GLN A 147 7.56 11.89 23.95
N ILE A 148 6.29 11.76 24.32
CA ILE A 148 5.38 10.79 23.62
C ILE A 148 4.98 11.41 22.29
N ARG A 149 5.26 10.77 21.14
CA ARG A 149 5.07 11.45 19.87
C ARG A 149 4.11 10.74 18.94
N GLY A 150 3.63 9.58 19.33
CA GLY A 150 2.69 8.83 18.43
C GLY A 150 2.44 7.41 18.77
N LEU A 151 1.93 6.62 17.77
CA LEU A 151 1.55 5.25 17.94
C LEU A 151 2.37 4.40 17.02
N MET A 152 2.71 3.19 17.49
CA MET A 152 3.27 2.14 16.67
C MET A 152 2.22 1.02 16.53
N VAL A 153 1.96 0.57 15.29
CA VAL A 153 1.08 -0.56 15.05
C VAL A 153 1.78 -1.58 14.16
N ILE A 154 1.80 -2.85 14.58
CA ILE A 154 2.46 -3.90 13.84
C ILE A 154 1.39 -4.93 13.53
N ALA A 155 1.24 -5.27 12.26
CA ALA A 155 0.22 -6.26 11.88
C ALA A 155 0.65 -7.63 12.35
N PRO A 156 -0.28 -8.47 12.88
CA PRO A 156 -0.01 -9.84 13.20
C PRO A 156 0.56 -10.56 11.99
N LEU A 157 1.45 -11.54 12.23
CA LEU A 157 2.04 -12.24 11.08
C LEU A 157 0.90 -12.97 10.40
N GLY A 158 0.91 -12.94 9.07
CA GLY A 158 -0.10 -13.66 8.29
C GLY A 158 -1.41 -12.92 8.06
N LEU A 159 -1.56 -11.72 8.61
CA LEU A 159 -2.70 -10.86 8.27
C LEU A 159 -2.79 -10.65 6.71
N THR A 160 -4.00 -10.67 6.16
CA THR A 160 -4.15 -10.38 4.71
C THR A 160 -3.80 -8.92 4.37
N ALA A 161 -3.52 -8.64 3.10
CA ALA A 161 -3.29 -7.28 2.64
C ALA A 161 -4.51 -6.41 2.99
N ALA A 162 -5.72 -6.93 2.76
CA ALA A 162 -6.93 -6.16 3.08
C ALA A 162 -7.06 -5.84 4.55
N GLU A 163 -6.81 -6.84 5.38
CA GLU A 163 -6.90 -6.71 6.82
C GLU A 163 -5.80 -5.73 7.31
N THR A 164 -4.64 -5.74 6.65
CA THR A 164 -3.57 -4.80 6.98
C THR A 164 -3.93 -3.37 6.62
N GLN A 165 -4.44 -3.16 5.46
CA GLN A 165 -4.91 -1.82 5.07
C GLN A 165 -5.90 -1.27 6.10
N ALA A 166 -6.84 -2.09 6.48
CA ALA A 166 -7.88 -1.67 7.41
C ALA A 166 -7.25 -1.34 8.77
N LEU A 167 -6.27 -2.13 9.16
CA LEU A 167 -5.57 -1.92 10.43
C LEU A 167 -4.84 -0.59 10.48
N PHE A 168 -4.11 -0.26 9.40
CA PHE A 168 -3.35 0.95 9.33
C PHE A 168 -4.26 2.18 9.30
N ALA A 169 -5.43 2.02 8.68
CA ALA A 169 -6.43 3.10 8.68
C ALA A 169 -7.02 3.32 10.08
N GLN A 170 -7.28 2.22 10.75
CA GLN A 170 -7.79 2.25 12.11
C GLN A 170 -6.81 2.88 13.02
N ALA A 171 -5.51 2.59 12.86
CA ALA A 171 -4.47 3.28 13.63
C ALA A 171 -4.47 4.76 13.42
N ARG A 172 -4.52 5.21 12.18
CA ARG A 172 -4.57 6.62 11.88
C ARG A 172 -5.76 7.29 12.53
N THR A 173 -6.91 6.65 12.41
CA THR A 173 -8.15 7.15 12.97
C THR A 173 -8.09 7.31 14.49
N PHE A 174 -7.67 6.25 15.16
CA PHE A 174 -7.52 6.23 16.61
C PHE A 174 -6.47 7.25 17.10
N ALA A 175 -5.32 7.38 16.43
CA ALA A 175 -4.32 8.37 16.82
C ALA A 175 -4.92 9.77 16.78
N ALA A 176 -5.74 10.06 15.77
CA ALA A 176 -6.38 11.38 15.74
C ALA A 176 -7.37 11.52 16.91
N GLU A 177 -8.11 10.46 17.22
CA GLU A 177 -8.94 10.54 18.41
C GLU A 177 -8.14 10.76 19.68
N LEU A 178 -7.04 10.03 19.84
CA LEU A 178 -6.26 10.20 21.03
C LEU A 178 -5.72 11.61 21.12
N GLN A 179 -5.34 12.17 19.96
CA GLN A 179 -4.71 13.47 19.96
C GLN A 179 -5.74 14.53 20.41
N GLN A 180 -6.98 14.32 20.01
CA GLN A 180 -8.12 15.18 20.47
C GLN A 180 -8.35 15.04 21.97
N GLN A 181 -8.17 13.84 22.52
CA GLN A 181 -8.34 13.61 23.95
C GLN A 181 -7.15 14.13 24.79
N ALA A 182 -5.96 14.28 24.22
CA ALA A 182 -4.73 14.65 24.94
C ALA A 182 -4.01 15.82 24.28
N PRO A 183 -4.59 17.04 24.41
CA PRO A 183 -3.94 18.16 23.79
C PRO A 183 -2.51 18.41 24.27
N GLN A 184 -2.10 18.02 25.50
CA GLN A 184 -0.72 18.13 26.03
CA GLN A 184 -0.71 18.28 25.88
C GLN A 184 0.30 17.33 25.22
N LEU A 185 -0.15 16.28 24.53
CA LEU A 185 0.74 15.36 23.88
C LEU A 185 0.89 15.73 22.42
N ARG A 186 2.06 15.46 21.91
CA ARG A 186 2.44 15.88 20.58
C ARG A 186 2.38 14.67 19.73
N LEU A 187 1.16 14.12 19.56
CA LEU A 187 0.91 12.84 18.91
C LEU A 187 0.90 12.83 17.40
N THR A 188 2.00 13.26 16.80
CA THR A 188 2.03 13.55 15.37
C THR A 188 2.51 12.34 14.54
N GLU A 189 3.00 11.27 15.15
CA GLU A 189 3.69 10.20 14.38
C GLU A 189 2.85 8.94 14.33
N LEU A 190 3.01 8.22 13.24
CA LEU A 190 2.48 6.89 13.07
C LEU A 190 3.60 5.97 12.59
N SER A 191 4.03 5.09 13.47
CA SER A 191 5.14 4.19 13.25
C SER A 191 4.49 2.86 12.82
N MET A 192 4.38 2.66 11.52
CA MET A 192 3.68 1.51 10.94
CA MET A 192 3.77 1.45 10.98
C MET A 192 4.25 1.30 9.52
N GLY A 193 4.38 0.06 9.08
CA GLY A 193 4.91 -0.27 7.75
C GLY A 193 6.28 -0.93 7.89
N MET A 194 6.38 -2.19 7.50
CA MET A 194 7.60 -2.94 7.56
C MET A 194 7.92 -3.45 6.14
N SER A 195 8.85 -4.39 6.03
CA SER A 195 9.44 -4.72 4.72
C SER A 195 8.42 -5.07 3.67
N SER A 196 7.38 -5.81 4.00
CA SER A 196 6.42 -6.23 2.98
C SER A 196 5.14 -5.39 2.93
N ASP A 197 4.85 -4.56 3.94
CA ASP A 197 3.60 -3.85 3.95
C ASP A 197 3.71 -2.34 4.01
N TRP A 198 4.92 -1.80 3.88
CA TRP A 198 5.08 -0.34 4.00
C TRP A 198 4.30 0.49 2.93
N PRO A 199 4.12 -0.02 1.71
CA PRO A 199 3.29 0.80 0.79
C PRO A 199 1.85 0.99 1.32
N LEU A 200 1.28 -0.02 1.97
CA LEU A 200 -0.08 0.11 2.55
C LEU A 200 -0.04 1.15 3.68
N ALA A 201 1.07 1.11 4.44
CA ALA A 201 1.24 2.00 5.60
C ALA A 201 1.33 3.45 5.15
N VAL A 202 2.14 3.70 4.13
CA VAL A 202 2.32 5.04 3.62
C VAL A 202 0.98 5.59 3.11
N ALA A 203 0.21 4.77 2.38
CA ALA A 203 -1.07 5.25 1.86
C ALA A 203 -2.04 5.57 3.01
N GLU A 204 -1.86 4.96 4.19
CA GLU A 204 -2.71 5.24 5.31
C GLU A 204 -2.11 6.21 6.33
N GLY A 205 -1.05 6.89 5.96
CA GLY A 205 -0.58 8.06 6.69
C GLY A 205 0.60 7.78 7.61
N ALA A 206 1.31 6.65 7.45
CA ALA A 206 2.56 6.40 8.24
C ALA A 206 3.53 7.55 8.13
N THR A 207 4.16 7.87 9.22
CA THR A 207 5.27 8.81 9.19
C THR A 207 6.65 8.15 9.36
N TRP A 208 6.72 6.96 9.93
CA TRP A 208 7.97 6.25 10.10
C TRP A 208 7.74 4.86 9.52
N ILE A 209 8.51 4.45 8.50
CA ILE A 209 8.49 3.07 8.06
C ILE A 209 9.85 2.39 8.32
N ARG A 210 9.85 1.07 8.30
CA ARG A 210 11.00 0.23 8.72
C ARG A 210 11.40 -0.65 7.59
N VAL A 211 12.59 -0.45 7.02
CA VAL A 211 13.03 -1.26 5.90
C VAL A 211 14.47 -1.73 6.11
N GLY A 212 14.74 -2.98 5.73
CA GLY A 212 15.99 -3.62 6.07
C GLY A 212 16.73 -3.99 4.81
N THR A 213 16.40 -5.17 4.31
CA THR A 213 17.00 -5.71 3.10
C THR A 213 16.81 -4.87 1.84
N GLN A 214 15.60 -4.31 1.62
CA GLN A 214 15.39 -3.42 0.45
C GLN A 214 16.43 -2.26 0.40
N LEU A 215 16.94 -1.83 1.54
CA LEU A 215 17.95 -0.78 1.61
C LEU A 215 19.40 -1.32 1.59
N PHE A 216 19.66 -2.28 2.47
CA PHE A 216 21.01 -2.76 2.67
C PHE A 216 21.26 -3.87 1.68
N GLY A 217 22.48 -4.39 1.67
CA GLY A 217 22.70 -5.62 0.89
C GLY A 217 21.74 -6.76 1.26
N PRO A 218 21.92 -7.93 0.60
CA PRO A 218 21.51 -9.22 1.16
C PRO A 218 22.21 -9.54 2.49
N GLN B 3 -16.24 14.48 1.46
CA GLN B 3 -17.05 14.29 0.23
C GLN B 3 -16.18 13.75 -0.91
N ILE B 4 -16.82 13.38 -2.02
CA ILE B 4 -16.13 12.73 -3.12
C ILE B 4 -14.93 13.57 -3.62
N ALA B 5 -15.09 14.88 -3.80
CA ALA B 5 -13.99 15.68 -4.35
C ALA B 5 -12.72 15.67 -3.50
N GLU B 6 -12.92 15.76 -2.17
CA GLU B 6 -11.85 15.74 -1.22
C GLU B 6 -11.16 14.38 -1.22
N ARG B 7 -11.95 13.31 -1.24
CA ARG B 7 -11.38 11.93 -1.27
C ARG B 7 -10.61 11.67 -2.55
N LEU B 8 -11.17 12.15 -3.65
CA LEU B 8 -10.53 12.04 -4.96
C LEU B 8 -9.21 12.84 -4.96
N ALA B 9 -9.23 14.08 -4.44
CA ALA B 9 -7.96 14.87 -4.36
C ALA B 9 -6.89 14.22 -3.49
N SER B 10 -7.31 13.59 -2.39
CA SER B 10 -6.39 12.82 -1.54
C SER B 10 -5.67 11.65 -2.28
N LEU B 11 -6.48 10.82 -2.92
CA LEU B 11 -6.01 9.65 -3.62
C LEU B 11 -5.10 10.07 -4.79
N ARG B 12 -5.50 11.08 -5.58
CA ARG B 12 -4.65 11.52 -6.70
C ARG B 12 -3.30 12.06 -6.30
N SER B 13 -3.26 12.76 -5.17
CA SER B 13 -2.03 13.35 -4.70
C SER B 13 -1.01 12.28 -4.30
N GLN B 14 -1.44 11.04 -4.04
CA GLN B 14 -0.54 9.92 -3.77
C GLN B 14 0.00 9.21 -4.99
N LEU B 15 -0.42 9.58 -6.19
CA LEU B 15 -0.19 8.71 -7.36
C LEU B 15 0.89 9.31 -8.25
N PRO B 16 1.88 8.49 -8.69
CA PRO B 16 2.78 9.11 -9.65
C PRO B 16 2.05 9.28 -10.99
N PRO B 17 2.61 10.08 -11.90
CA PRO B 17 1.96 10.30 -13.21
C PRO B 17 1.83 9.04 -14.11
N SER B 18 2.63 8.00 -13.90
CA SER B 18 2.45 6.78 -14.67
C SER B 18 1.16 5.99 -14.29
N VAL B 19 0.45 6.40 -13.25
CA VAL B 19 -0.71 5.64 -12.79
C VAL B 19 -1.98 6.43 -13.01
N GLN B 20 -3.01 5.76 -13.54
CA GLN B 20 -4.29 6.40 -13.74
C GLN B 20 -5.29 5.64 -12.89
N LEU B 21 -6.26 6.38 -12.38
CA LEU B 21 -7.23 5.85 -11.47
C LEU B 21 -8.56 5.59 -12.16
N ILE B 22 -9.08 4.41 -11.99
CA ILE B 22 -10.46 4.11 -12.39
C ILE B 22 -11.34 4.19 -11.15
N ALA B 23 -12.36 5.03 -11.18
CA ALA B 23 -13.28 5.14 -10.09
C ALA B 23 -14.36 4.08 -10.23
N VAL B 24 -14.41 3.14 -9.30
CA VAL B 24 -15.26 1.96 -9.40
C VAL B 24 -16.60 2.39 -8.83
N SER B 25 -17.56 2.60 -9.73
CA SER B 25 -18.84 3.17 -9.40
C SER B 25 -19.92 2.11 -9.21
N LYS B 26 -19.55 0.83 -9.22
CA LYS B 26 -20.50 -0.25 -8.99
C LYS B 26 -21.15 -0.08 -7.59
N ASN B 27 -22.45 -0.31 -7.47
CA ASN B 27 -23.16 -0.04 -6.20
C ASN B 27 -23.20 1.45 -5.76
N HIS B 28 -23.10 2.39 -6.70
CA HIS B 28 -23.30 3.78 -6.45
C HIS B 28 -24.12 4.32 -7.59
N PRO B 29 -24.99 5.28 -7.30
CA PRO B 29 -25.90 5.74 -8.30
C PRO B 29 -25.23 6.70 -9.31
N ALA B 30 -25.89 6.99 -10.44
CA ALA B 30 -25.35 7.95 -11.38
C ALA B 30 -25.06 9.31 -10.78
N ALA B 31 -25.89 9.75 -9.83
CA ALA B 31 -25.56 11.01 -9.12
C ALA B 31 -24.19 11.06 -8.50
N ALA B 32 -23.70 9.93 -8.02
CA ALA B 32 -22.36 9.94 -7.46
C ALA B 32 -21.32 10.06 -8.56
N ILE B 33 -21.54 9.40 -9.69
CA ILE B 33 -20.69 9.55 -10.87
C ILE B 33 -20.63 11.04 -11.28
N ARG B 34 -21.82 11.67 -11.34
CA ARG B 34 -21.93 13.05 -11.73
C ARG B 34 -21.13 13.98 -10.79
N GLU B 35 -21.19 13.70 -9.47
CA GLU B 35 -20.41 14.45 -8.48
C GLU B 35 -18.91 14.25 -8.66
N ALA B 36 -18.49 13.00 -8.88
CA ALA B 36 -17.08 12.73 -9.12
C ALA B 36 -16.59 13.48 -10.39
N TYR B 37 -17.45 13.50 -11.37
CA TYR B 37 -17.18 14.18 -12.64
C TYR B 37 -16.97 15.69 -12.45
N ALA B 38 -17.77 16.32 -11.58
CA ALA B 38 -17.63 17.73 -11.25
C ALA B 38 -16.26 17.93 -10.62
N ALA B 39 -15.79 16.93 -9.86
CA ALA B 39 -14.46 16.95 -9.29
C ALA B 39 -13.30 16.59 -10.25
N GLY B 40 -13.58 16.34 -11.52
CA GLY B 40 -12.57 16.10 -12.55
C GLY B 40 -12.35 14.65 -12.96
N GLN B 41 -13.04 13.72 -12.33
CA GLN B 41 -12.93 12.28 -12.68
C GLN B 41 -13.59 12.00 -13.99
N ARG B 42 -12.90 11.23 -14.83
CA ARG B 42 -13.47 10.83 -16.13
C ARG B 42 -13.57 9.35 -16.41
N HIS B 43 -12.77 8.57 -15.70
CA HIS B 43 -12.67 7.13 -15.90
C HIS B 43 -13.48 6.42 -14.84
N PHE B 44 -14.51 5.69 -15.25
CA PHE B 44 -15.35 4.97 -14.28
C PHE B 44 -15.39 3.51 -14.65
N GLY B 45 -15.48 2.68 -13.64
CA GLY B 45 -15.47 1.25 -13.78
C GLY B 45 -16.74 0.64 -13.21
N GLU B 46 -17.28 -0.34 -13.95
CA GLU B 46 -18.45 -1.11 -13.54
C GLU B 46 -18.11 -2.60 -13.65
N ASN B 47 -18.80 -3.42 -12.86
CA ASN B 47 -18.63 -4.89 -12.94
C ASN B 47 -19.67 -5.57 -13.73
N ARG B 48 -20.84 -4.94 -13.89
CA ARG B 48 -21.98 -5.54 -14.60
C ARG B 48 -22.38 -4.62 -15.78
N VAL B 49 -22.55 -5.23 -16.94
CA VAL B 49 -22.87 -4.53 -18.17
C VAL B 49 -24.18 -3.76 -18.02
N GLN B 50 -25.19 -4.44 -17.47
CA GLN B 50 -26.53 -3.91 -17.36
C GLN B 50 -26.61 -2.67 -16.43
N GLU B 51 -25.92 -2.72 -15.31
CA GLU B 51 -25.85 -1.55 -14.39
C GLU B 51 -25.21 -0.33 -15.08
N ALA B 52 -24.13 -0.58 -15.82
CA ALA B 52 -23.45 0.44 -16.59
C ALA B 52 -24.32 1.07 -17.64
N ILE B 53 -25.05 0.24 -18.38
CA ILE B 53 -25.95 0.73 -19.40
C ILE B 53 -26.99 1.67 -18.78
N ALA B 54 -27.56 1.26 -17.67
CA ALA B 54 -28.60 2.05 -17.05
C ALA B 54 -28.10 3.39 -16.49
N LYS B 55 -26.84 3.44 -16.08
CA LYS B 55 -26.27 4.69 -15.51
C LYS B 55 -25.87 5.61 -16.61
N GLN B 56 -25.34 5.03 -17.68
CA GLN B 56 -25.01 5.77 -18.89
C GLN B 56 -26.19 6.57 -19.42
N ALA B 57 -27.40 5.97 -19.40
CA ALA B 57 -28.61 6.64 -19.87
C ALA B 57 -29.01 7.86 -19.05
N GLU B 58 -28.52 7.98 -17.81
CA GLU B 58 -28.75 9.14 -16.96
C GLU B 58 -27.64 10.20 -17.07
N LEU B 59 -26.58 9.91 -17.82
CA LEU B 59 -25.38 10.74 -17.86
C LEU B 59 -25.02 11.18 -19.29
N THR B 60 -25.96 11.07 -20.22
CA THR B 60 -25.58 11.30 -21.62
C THR B 60 -25.27 12.77 -21.96
N ASP B 61 -25.62 13.68 -21.06
CA ASP B 61 -25.24 15.07 -21.20
C ASP B 61 -23.78 15.35 -20.99
N LEU B 62 -23.09 14.45 -20.27
CA LEU B 62 -21.70 14.66 -19.97
C LEU B 62 -20.79 14.09 -21.08
N PRO B 63 -19.92 14.93 -21.68
CA PRO B 63 -18.93 14.43 -22.60
C PRO B 63 -17.68 13.88 -21.86
N ASP B 64 -16.82 13.24 -22.59
CA ASP B 64 -15.51 12.81 -22.04
C ASP B 64 -15.56 11.71 -20.89
N LEU B 65 -16.68 11.03 -20.67
CA LEU B 65 -16.70 9.88 -19.75
C LEU B 65 -16.02 8.71 -20.45
N THR B 66 -15.18 7.94 -19.76
CA THR B 66 -14.61 6.68 -20.31
C THR B 66 -15.03 5.59 -19.37
N TRP B 67 -15.54 4.52 -19.95
CA TRP B 67 -16.14 3.45 -19.17
C TRP B 67 -15.35 2.21 -19.32
N HIS B 68 -15.09 1.59 -18.17
CA HIS B 68 -14.24 0.37 -18.04
C HIS B 68 -15.07 -0.76 -17.46
N LEU B 69 -15.11 -1.89 -18.16
CA LEU B 69 -15.71 -3.09 -17.65
C LEU B 69 -14.66 -3.90 -16.90
N LEU B 70 -14.90 -4.09 -15.61
CA LEU B 70 -13.95 -4.70 -14.70
C LEU B 70 -14.34 -6.06 -14.25
N GLY B 71 -15.59 -6.48 -14.45
CA GLY B 71 -15.96 -7.80 -13.99
C GLY B 71 -16.08 -8.78 -15.14
N LYS B 72 -16.51 -9.97 -14.78
CA LYS B 72 -16.57 -11.14 -15.72
C LYS B 72 -17.50 -10.73 -16.84
N LEU B 73 -17.10 -10.96 -18.08
CA LEU B 73 -17.95 -10.61 -19.20
C LEU B 73 -18.71 -11.86 -19.59
N GLN B 74 -19.98 -11.86 -19.26
CA GLN B 74 -20.89 -12.94 -19.60
C GLN B 74 -21.01 -13.04 -21.10
N SER B 75 -20.92 -14.28 -21.59
CA SER B 75 -20.81 -14.51 -23.04
C SER B 75 -21.99 -13.88 -23.81
N ASN B 76 -23.17 -13.90 -23.23
CA ASN B 76 -24.32 -13.35 -23.96
CA ASN B 76 -24.43 -13.33 -23.76
C ASN B 76 -24.55 -11.82 -23.73
N LYS B 77 -23.59 -11.16 -23.10
CA LYS B 77 -23.56 -9.74 -22.96
C LYS B 77 -22.36 -9.18 -23.75
N ALA B 78 -21.66 -9.96 -24.57
CA ALA B 78 -20.53 -9.46 -25.25
C ALA B 78 -20.84 -8.31 -26.22
N ARG B 79 -21.96 -8.42 -26.92
CA ARG B 79 -22.34 -7.38 -27.90
C ARG B 79 -22.63 -6.06 -27.17
N LYS B 80 -23.35 -6.14 -26.06
CA LYS B 80 -23.62 -4.96 -25.30
C LYS B 80 -22.36 -4.36 -24.73
N ALA B 81 -21.45 -5.19 -24.21
CA ALA B 81 -20.17 -4.73 -23.76
C ALA B 81 -19.41 -3.91 -24.81
N VAL B 82 -19.30 -4.44 -26.02
CA VAL B 82 -18.55 -3.78 -27.08
C VAL B 82 -19.27 -2.46 -27.42
N GLU B 83 -20.59 -2.46 -27.33
CA GLU B 83 -21.36 -1.26 -27.63
C GLU B 83 -21.18 -0.18 -26.58
N HIS B 84 -21.06 -0.55 -25.29
CA HIS B 84 -21.17 0.46 -24.25
C HIS B 84 -19.87 0.73 -23.49
N PHE B 85 -18.83 -0.08 -23.66
CA PHE B 85 -17.57 0.18 -22.94
C PHE B 85 -16.45 0.65 -23.86
N ASP B 86 -15.57 1.45 -23.29
CA ASP B 86 -14.33 1.90 -23.98
C ASP B 86 -13.22 0.92 -23.76
N TRP B 87 -13.15 0.42 -22.54
CA TRP B 87 -12.16 -0.57 -22.13
C TRP B 87 -12.88 -1.76 -21.54
N ILE B 88 -12.33 -2.94 -21.82
CA ILE B 88 -12.80 -4.20 -21.24
C ILE B 88 -11.58 -4.92 -20.64
N HIS B 89 -11.54 -4.99 -19.31
CA HIS B 89 -10.40 -5.52 -18.60
C HIS B 89 -10.37 -7.02 -18.39
N SER B 90 -11.49 -7.67 -18.56
CA SER B 90 -11.71 -9.02 -18.12
C SER B 90 -11.69 -10.05 -19.24
N VAL B 91 -10.88 -9.83 -20.27
CA VAL B 91 -10.85 -10.80 -21.41
C VAL B 91 -9.99 -11.99 -20.97
N ASP B 92 -10.59 -13.15 -20.87
CA ASP B 92 -9.99 -14.29 -20.17
C ASP B 92 -9.82 -15.52 -21.05
N SER B 93 -10.01 -15.40 -22.39
CA SER B 93 -9.77 -16.53 -23.28
C SER B 93 -9.59 -16.01 -24.69
N TRP B 94 -8.98 -16.86 -25.48
CA TRP B 94 -8.86 -16.64 -26.94
C TRP B 94 -10.22 -16.56 -27.60
N ALA B 95 -11.11 -17.52 -27.31
CA ALA B 95 -12.46 -17.51 -27.91
C ALA B 95 -13.20 -16.21 -27.67
N LEU B 96 -13.08 -15.65 -26.47
CA LEU B 96 -13.73 -14.40 -26.16
C LEU B 96 -13.09 -13.23 -26.88
N ALA B 97 -11.77 -13.16 -26.89
CA ALA B 97 -11.09 -12.13 -27.64
C ALA B 97 -11.43 -12.13 -29.10
N GLU B 98 -11.43 -13.31 -29.70
CA GLU B 98 -11.81 -13.42 -31.11
C GLU B 98 -13.25 -12.96 -31.38
N ARG B 99 -14.16 -13.34 -30.49
CA ARG B 99 -15.53 -12.94 -30.61
C ARG B 99 -15.71 -11.43 -30.40
N LEU B 100 -15.01 -10.83 -29.43
CA LEU B 100 -15.09 -9.37 -29.24
C LEU B 100 -14.57 -8.68 -30.46
N ASP B 101 -13.55 -9.26 -31.09
CA ASP B 101 -13.03 -8.65 -32.31
C ASP B 101 -14.03 -8.70 -33.47
N ARG B 102 -14.68 -9.85 -33.65
CA ARG B 102 -15.74 -10.02 -34.68
C ARG B 102 -16.88 -9.03 -34.45
N ILE B 103 -17.32 -8.96 -33.18
CA ILE B 103 -18.40 -8.01 -32.81
C ILE B 103 -17.95 -6.58 -33.07
N ALA B 104 -16.71 -6.26 -32.72
CA ALA B 104 -16.20 -4.89 -32.93
C ALA B 104 -16.23 -4.54 -34.40
N GLY B 105 -15.80 -5.47 -35.25
CA GLY B 105 -15.87 -5.27 -36.70
C GLY B 105 -17.31 -4.99 -37.15
N GLU B 106 -18.27 -5.79 -36.64
CA GLU B 106 -19.66 -5.66 -37.05
C GLU B 106 -20.28 -4.38 -36.59
N LEU B 107 -19.99 -3.98 -35.37
CA LEU B 107 -20.54 -2.76 -34.77
C LEU B 107 -19.74 -1.47 -35.03
N GLY B 108 -18.57 -1.52 -35.67
CA GLY B 108 -17.73 -0.30 -35.86
C GLY B 108 -17.26 0.28 -34.55
N ARG B 109 -16.75 -0.59 -33.73
CA ARG B 109 -16.14 -0.24 -32.47
C ARG B 109 -14.69 -0.72 -32.43
N SER B 110 -13.91 -0.23 -31.44
CA SER B 110 -12.56 -0.70 -31.22
C SER B 110 -12.20 -0.62 -29.74
N PRO B 111 -12.75 -1.57 -28.94
CA PRO B 111 -12.49 -1.49 -27.50
C PRO B 111 -11.03 -1.78 -27.18
N LYS B 112 -10.54 -1.11 -26.13
CA LYS B 112 -9.27 -1.42 -25.58
C LYS B 112 -9.50 -2.60 -24.64
N LEU B 113 -8.61 -3.57 -24.71
CA LEU B 113 -8.71 -4.75 -23.94
C LEU B 113 -7.51 -4.97 -23.07
N CYS B 114 -7.76 -5.38 -21.83
CA CYS B 114 -6.73 -6.12 -21.06
C CYS B 114 -7.02 -7.60 -20.99
N LEU B 115 -5.94 -8.39 -21.00
CA LEU B 115 -6.01 -9.83 -20.89
C LEU B 115 -5.92 -10.19 -19.39
N GLN B 116 -6.98 -10.79 -18.89
CA GLN B 116 -7.05 -11.15 -17.46
C GLN B 116 -6.32 -12.45 -17.30
N VAL B 117 -5.19 -12.42 -16.60
CA VAL B 117 -4.39 -13.60 -16.39
C VAL B 117 -4.47 -14.13 -14.95
N LYS B 118 -4.59 -15.45 -14.81
CA LYS B 118 -4.73 -16.08 -13.53
C LYS B 118 -3.44 -16.71 -13.15
N LEU B 119 -2.76 -16.06 -12.22
CA LEU B 119 -1.43 -16.44 -11.78
C LEU B 119 -1.46 -17.21 -10.45
N LEU B 120 -2.65 -17.35 -9.83
CA LEU B 120 -2.78 -18.16 -8.66
C LEU B 120 -4.16 -18.82 -8.64
N PRO B 121 -4.29 -20.00 -8.02
CA PRO B 121 -5.66 -20.49 -7.79
C PRO B 121 -6.60 -19.45 -7.15
N ASP B 122 -7.83 -19.48 -7.60
CA ASP B 122 -8.83 -18.59 -7.11
C ASP B 122 -10.18 -19.24 -7.40
N PRO B 123 -10.86 -19.71 -6.36
CA PRO B 123 -12.19 -20.30 -6.58
C PRO B 123 -13.24 -19.30 -7.14
N ASN B 124 -13.06 -17.99 -6.99
CA ASN B 124 -14.04 -16.98 -7.45
C ASN B 124 -13.80 -16.30 -8.79
N LYS B 125 -12.66 -16.50 -9.45
CA LYS B 125 -12.37 -15.77 -10.65
C LYS B 125 -11.72 -16.68 -11.67
N ALA B 126 -11.90 -16.31 -12.91
CA ALA B 126 -11.28 -17.02 -14.03
C ALA B 126 -10.07 -16.18 -14.53
N GLY B 127 -9.56 -16.46 -15.71
CA GLY B 127 -8.38 -15.87 -16.21
C GLY B 127 -7.57 -16.84 -17.03
N TRP B 128 -6.75 -16.26 -17.93
CA TRP B 128 -5.85 -17.00 -18.79
C TRP B 128 -4.84 -17.80 -17.98
N ASP B 129 -4.66 -19.06 -18.35
CA ASP B 129 -3.45 -19.83 -18.02
C ASP B 129 -2.25 -19.16 -18.70
N PRO B 130 -1.16 -18.88 -17.97
CA PRO B 130 -0.02 -18.20 -18.65
C PRO B 130 0.55 -18.93 -19.88
N ALA B 131 0.68 -20.24 -19.80
CA ALA B 131 1.08 -21.04 -20.98
C ALA B 131 0.14 -20.96 -22.18
N ASP B 132 -1.17 -20.99 -21.95
CA ASP B 132 -2.13 -20.77 -23.01
C ASP B 132 -1.99 -19.37 -23.60
N LEU B 133 -1.81 -18.35 -22.77
CA LEU B 133 -1.61 -16.99 -23.27
C LEU B 133 -0.34 -16.90 -24.15
N ARG B 134 0.77 -17.55 -23.77
CA ARG B 134 1.93 -17.61 -24.72
C ARG B 134 1.61 -18.28 -26.05
N ALA B 135 0.81 -19.36 -26.00
CA ALA B 135 0.43 -20.12 -27.22
C ALA B 135 -0.48 -19.29 -28.10
N GLU B 136 -1.41 -18.54 -27.49
CA GLU B 136 -2.37 -17.81 -28.26
C GLU B 136 -2.00 -16.37 -28.58
N LEU B 137 -0.89 -15.90 -28.05
CA LEU B 137 -0.48 -14.54 -28.34
C LEU B 137 -0.36 -14.13 -29.82
N PRO B 138 0.28 -14.95 -30.68
CA PRO B 138 0.30 -14.61 -32.11
C PRO B 138 -1.11 -14.48 -32.75
N GLN B 139 -2.05 -15.30 -32.33
CA GLN B 139 -3.43 -15.18 -32.74
C GLN B 139 -4.05 -13.84 -32.30
N LEU B 140 -3.82 -13.44 -31.03
CA LEU B 140 -4.23 -12.14 -30.52
C LEU B 140 -3.63 -10.98 -31.34
N SER B 141 -2.40 -11.15 -31.78
CA SER B 141 -1.72 -10.20 -32.70
C SER B 141 -2.32 -9.96 -34.04
N GLN B 142 -3.08 -10.92 -34.54
CA GLN B 142 -3.67 -10.82 -35.82
C GLN B 142 -5.08 -10.24 -35.73
N LEU B 143 -5.64 -10.02 -34.53
CA LEU B 143 -6.99 -9.46 -34.41
C LEU B 143 -6.87 -8.07 -34.97
N GLN B 144 -7.84 -7.68 -35.78
CA GLN B 144 -7.75 -6.48 -36.60
C GLN B 144 -8.54 -5.25 -36.13
N GLN B 145 -9.50 -5.45 -35.22
CA GLN B 145 -10.41 -4.39 -34.78
C GLN B 145 -10.09 -3.94 -33.33
N VAL B 146 -9.85 -4.88 -32.44
CA VAL B 146 -9.63 -4.57 -31.02
C VAL B 146 -8.22 -4.03 -30.74
N GLN B 147 -8.04 -3.36 -29.59
CA GLN B 147 -6.73 -2.77 -29.18
C GLN B 147 -6.32 -3.49 -27.92
N ILE B 148 -5.47 -4.51 -28.05
CA ILE B 148 -4.96 -5.22 -26.85
C ILE B 148 -3.93 -4.34 -26.19
N ARG B 149 -4.11 -3.94 -24.92
CA ARG B 149 -3.22 -2.98 -24.29
C ARG B 149 -2.39 -3.47 -23.07
N GLY B 150 -2.72 -4.60 -22.54
CA GLY B 150 -2.01 -5.15 -21.40
C GLY B 150 -2.71 -6.24 -20.70
N LEU B 151 -2.26 -6.43 -19.46
CA LEU B 151 -2.73 -7.48 -18.61
C LEU B 151 -3.54 -6.95 -17.43
N MET B 152 -4.53 -7.71 -17.00
CA MET B 152 -5.27 -7.45 -15.75
C MET B 152 -4.92 -8.62 -14.82
N VAL B 153 -4.52 -8.32 -13.59
CA VAL B 153 -4.20 -9.35 -12.59
C VAL B 153 -4.99 -9.01 -11.30
N ILE B 154 -5.87 -9.91 -10.89
CA ILE B 154 -6.66 -9.75 -9.66
C ILE B 154 -6.12 -10.72 -8.60
N ALA B 155 -5.70 -10.21 -7.44
CA ALA B 155 -5.30 -11.14 -6.33
C ALA B 155 -6.45 -11.94 -5.83
N PRO B 156 -6.27 -13.24 -5.64
CA PRO B 156 -7.28 -13.99 -4.94
C PRO B 156 -7.51 -13.39 -3.59
N LEU B 157 -8.69 -13.62 -3.04
CA LEU B 157 -8.97 -13.11 -1.71
C LEU B 157 -8.08 -13.85 -0.70
N GLY B 158 -7.58 -13.12 0.24
CA GLY B 158 -6.84 -13.76 1.34
C GLY B 158 -5.34 -13.71 1.27
N LEU B 159 -4.78 -13.09 0.23
CA LEU B 159 -3.30 -12.95 0.16
C LEU B 159 -2.78 -11.95 1.19
N THR B 160 -1.61 -12.29 1.75
CA THR B 160 -0.84 -11.32 2.54
C THR B 160 -0.25 -10.22 1.67
N ALA B 161 0.29 -9.18 2.33
CA ALA B 161 0.99 -8.13 1.59
C ALA B 161 2.18 -8.68 0.84
N ALA B 162 2.95 -9.59 1.48
CA ALA B 162 4.10 -10.18 0.77
C ALA B 162 3.70 -11.01 -0.46
N GLU B 163 2.66 -11.79 -0.31
CA GLU B 163 2.20 -12.63 -1.39
C GLU B 163 1.69 -11.71 -2.52
N THR B 164 1.04 -10.62 -2.14
CA THR B 164 0.44 -9.74 -3.13
C THR B 164 1.53 -9.03 -3.89
N GLN B 165 2.53 -8.57 -3.19
CA GLN B 165 3.56 -7.87 -3.89
CA GLN B 165 3.77 -7.93 -3.77
C GLN B 165 4.34 -8.80 -4.84
N ALA B 166 4.60 -10.05 -4.47
CA ALA B 166 5.19 -10.98 -5.39
C ALA B 166 4.33 -11.20 -6.64
N LEU B 167 3.03 -11.42 -6.42
CA LEU B 167 2.09 -11.61 -7.52
C LEU B 167 2.15 -10.45 -8.52
N PHE B 168 2.11 -9.22 -8.01
CA PHE B 168 2.07 -8.06 -8.91
C PHE B 168 3.41 -7.86 -9.62
N ALA B 169 4.51 -8.11 -8.91
CA ALA B 169 5.86 -8.05 -9.50
C ALA B 169 6.00 -9.08 -10.63
N GLN B 170 5.43 -10.25 -10.40
CA GLN B 170 5.54 -11.30 -11.41
C GLN B 170 4.60 -11.06 -12.59
N ALA B 171 3.45 -10.43 -12.35
CA ALA B 171 2.60 -9.94 -13.46
C ALA B 171 3.35 -8.99 -14.38
N ARG B 172 4.06 -8.04 -13.79
CA ARG B 172 4.81 -7.05 -14.56
C ARG B 172 5.85 -7.75 -15.43
N THR B 173 6.56 -8.71 -14.85
CA THR B 173 7.68 -9.32 -15.57
C THR B 173 7.11 -10.23 -16.65
N PHE B 174 5.98 -10.89 -16.39
CA PHE B 174 5.31 -11.70 -17.42
C PHE B 174 4.86 -10.82 -18.58
N ALA B 175 4.25 -9.67 -18.27
CA ALA B 175 3.80 -8.75 -19.31
C ALA B 175 5.01 -8.36 -20.20
N ALA B 176 6.17 -8.11 -19.61
CA ALA B 176 7.34 -7.71 -20.43
C ALA B 176 7.85 -8.86 -21.34
N GLU B 177 7.87 -10.08 -20.86
CA GLU B 177 8.07 -11.27 -21.70
C GLU B 177 7.09 -11.35 -22.89
N LEU B 178 5.81 -11.23 -22.61
CA LEU B 178 4.80 -11.23 -23.66
C LEU B 178 5.04 -10.12 -24.67
N GLN B 179 5.43 -8.96 -24.17
CA GLN B 179 5.65 -7.82 -25.09
C GLN B 179 6.82 -8.11 -26.08
N GLN B 180 7.82 -8.79 -25.57
CA GLN B 180 8.91 -9.23 -26.44
C GLN B 180 8.46 -10.28 -27.43
N GLN B 181 7.62 -11.21 -26.97
CA GLN B 181 7.09 -12.24 -27.84
C GLN B 181 6.22 -11.71 -29.00
N ALA B 182 5.42 -10.66 -28.78
CA ALA B 182 4.55 -10.11 -29.79
C ALA B 182 4.80 -8.62 -29.84
N PRO B 183 5.87 -8.25 -30.56
CA PRO B 183 6.22 -6.86 -30.65
C PRO B 183 5.20 -5.98 -31.37
N GLN B 184 4.29 -6.56 -32.15
CA GLN B 184 3.22 -5.82 -32.79
C GLN B 184 2.10 -5.35 -31.82
N LEU B 185 2.00 -5.96 -30.65
CA LEU B 185 1.05 -5.50 -29.62
C LEU B 185 1.62 -4.36 -28.78
N ARG B 186 0.74 -3.49 -28.32
CA ARG B 186 1.12 -2.33 -27.56
C ARG B 186 0.77 -2.74 -26.17
N LEU B 187 1.54 -3.66 -25.56
CA LEU B 187 1.23 -4.32 -24.25
C LEU B 187 1.86 -3.63 -23.07
N THR B 188 1.58 -2.35 -22.95
CA THR B 188 2.24 -1.48 -22.01
C THR B 188 1.40 -1.24 -20.71
N GLU B 189 0.19 -1.75 -20.62
CA GLU B 189 -0.61 -1.45 -19.46
C GLU B 189 -0.65 -2.63 -18.46
N LEU B 190 -0.79 -2.27 -17.20
CA LEU B 190 -0.94 -3.24 -16.10
C LEU B 190 -2.10 -2.77 -15.27
N SER B 191 -3.19 -3.50 -15.39
CA SER B 191 -4.39 -3.20 -14.69
C SER B 191 -4.38 -4.09 -13.45
N MET B 192 -3.94 -3.53 -12.34
CA MET B 192 -3.78 -4.26 -11.11
C MET B 192 -3.75 -3.27 -9.98
N GLY B 193 -4.36 -3.65 -8.88
CA GLY B 193 -4.50 -2.80 -7.74
C GLY B 193 -5.97 -2.43 -7.59
N MET B 194 -6.58 -2.96 -6.56
CA MET B 194 -7.96 -2.63 -6.22
C MET B 194 -8.07 -1.92 -4.87
N SER B 195 -9.27 -1.71 -4.33
CA SER B 195 -9.41 -0.83 -3.21
C SER B 195 -8.51 -1.20 -2.06
N SER B 196 -8.33 -2.48 -1.83
CA SER B 196 -7.61 -2.91 -0.66
C SER B 196 -6.08 -3.10 -0.90
N ASP B 197 -5.60 -3.14 -2.14
CA ASP B 197 -4.19 -3.45 -2.36
C ASP B 197 -3.46 -2.57 -3.33
N TRP B 198 -4.08 -1.45 -3.76
CA TRP B 198 -3.56 -0.63 -4.83
C TRP B 198 -2.15 -0.07 -4.52
N PRO B 199 -1.83 0.24 -3.23
CA PRO B 199 -0.47 0.74 -3.01
C PRO B 199 0.65 -0.30 -3.34
N LEU B 200 0.38 -1.58 -3.13
CA LEU B 200 1.29 -2.64 -3.47
C LEU B 200 1.41 -2.81 -5.00
N ALA B 201 0.30 -2.63 -5.69
CA ALA B 201 0.28 -2.60 -7.17
C ALA B 201 1.09 -1.43 -7.74
N VAL B 202 0.91 -0.24 -7.18
CA VAL B 202 1.64 0.89 -7.63
C VAL B 202 3.15 0.64 -7.48
N ALA B 203 3.53 0.10 -6.32
CA ALA B 203 4.94 -0.19 -6.08
C ALA B 203 5.56 -1.13 -7.13
N GLU B 204 4.73 -1.97 -7.76
CA GLU B 204 5.18 -2.90 -8.75
C GLU B 204 4.89 -2.51 -10.22
N GLY B 205 4.58 -1.25 -10.46
CA GLY B 205 4.42 -0.75 -11.82
C GLY B 205 3.02 -0.76 -12.43
N ALA B 206 1.95 -0.87 -11.62
CA ALA B 206 0.60 -0.76 -12.18
C ALA B 206 0.40 0.57 -12.89
N THR B 207 -0.30 0.51 -14.01
CA THR B 207 -0.64 1.73 -14.77
C THR B 207 -2.11 2.14 -14.63
N TRP B 208 -2.97 1.19 -14.31
CA TRP B 208 -4.40 1.42 -13.96
C TRP B 208 -4.70 0.74 -12.65
N ILE B 209 -5.11 1.53 -11.66
CA ILE B 209 -5.69 1.00 -10.46
C ILE B 209 -7.18 1.34 -10.41
N ARG B 210 -7.88 0.65 -9.53
CA ARG B 210 -9.33 0.76 -9.45
C ARG B 210 -9.82 0.81 -8.01
N VAL B 211 -10.41 1.95 -7.65
CA VAL B 211 -10.73 2.20 -6.25
C VAL B 211 -12.18 2.60 -6.20
N GLY B 212 -12.90 2.00 -5.25
CA GLY B 212 -14.32 2.27 -5.06
C GLY B 212 -14.63 2.95 -3.75
N THR B 213 -14.61 2.15 -2.70
CA THR B 213 -15.08 2.57 -1.38
C THR B 213 -14.42 3.88 -0.83
N GLN B 214 -13.10 4.01 -0.98
CA GLN B 214 -12.35 5.19 -0.54
C GLN B 214 -12.71 6.45 -1.29
N LEU B 215 -13.24 6.33 -2.52
CA LEU B 215 -13.73 7.50 -3.28
C LEU B 215 -15.17 7.86 -3.01
N PHE B 216 -16.05 6.85 -3.02
CA PHE B 216 -17.48 7.14 -3.02
C PHE B 216 -18.15 7.12 -1.64
N GLY B 217 -17.70 6.26 -0.72
CA GLY B 217 -18.25 6.20 0.67
C GLY B 217 -19.24 5.06 0.94
#